data_3HSB
#
_entry.id   3HSB
#
_cell.length_a   123.700
_cell.length_b   123.700
_cell.length_c   119.131
_cell.angle_alpha   90.00
_cell.angle_beta   90.00
_cell.angle_gamma   90.00
#
_symmetry.space_group_name_H-M   'I 4 2 2'
#
loop_
_entity.id
_entity.type
_entity.pdbx_description
1 polymer 'Protein hfq'
2 polymer "RNA (5'-R(*AP*GP*AP*GP*AP*GP*A)-3')"
3 water water
#
loop_
_entity_poly.entity_id
_entity_poly.type
_entity_poly.pdbx_seq_one_letter_code
_entity_poly.pdbx_strand_id
1 'polypeptide(L)' GPLGSMKPINIQDQFLNQIRKENTYVTVFLLNGFQLRGQVKGFDNFTVLLESEGKQQLIYKHAISTFAPQKNVQLELE A,B,C,D,E,F
2 'polyribonucleotide' AGAGAGA X
#
# COMPACT_ATOMS: atom_id res chain seq x y z
N ASN A 10 23.63 3.87 -1.92
CA ASN A 10 22.14 3.90 -2.06
C ASN A 10 21.72 4.18 -3.50
N ILE A 11 21.22 3.18 -4.21
CA ILE A 11 20.79 3.30 -5.63
C ILE A 11 19.72 4.35 -5.87
N GLN A 12 18.71 4.37 -5.01
CA GLN A 12 17.61 5.31 -5.17
C GLN A 12 18.10 6.77 -5.24
N ASP A 13 18.80 7.20 -4.20
CA ASP A 13 19.38 8.57 -4.12
C ASP A 13 20.32 8.96 -5.24
N GLN A 14 21.18 8.02 -5.55
CA GLN A 14 22.15 8.16 -6.59
C GLN A 14 21.40 8.37 -7.95
N PHE A 15 20.45 7.50 -8.24
CA PHE A 15 19.65 7.65 -9.43
C PHE A 15 18.89 9.01 -9.49
N LEU A 16 18.18 9.37 -8.44
CA LEU A 16 17.31 10.54 -8.42
C LEU A 16 18.18 11.82 -8.46
N ASN A 17 19.31 11.79 -7.76
CA ASN A 17 20.24 12.90 -7.81
C ASN A 17 20.90 13.00 -9.18
N GLN A 18 21.23 11.89 -9.83
CA GLN A 18 21.73 12.02 -11.20
C GLN A 18 20.70 12.61 -12.18
N ILE A 19 19.47 12.09 -12.18
CA ILE A 19 18.51 12.55 -13.15
C ILE A 19 18.11 14.00 -12.82
N ARG A 20 18.23 14.37 -11.56
CA ARG A 20 17.96 15.73 -11.26
C ARG A 20 19.04 16.66 -11.84
N LYS A 21 20.30 16.39 -11.47
CA LYS A 21 21.34 17.32 -11.78
C LYS A 21 21.70 17.25 -13.27
N GLU A 22 21.46 16.12 -13.95
CA GLU A 22 21.57 16.04 -15.41
C GLU A 22 20.30 16.50 -16.14
N ASN A 23 19.27 16.89 -15.39
CA ASN A 23 17.97 17.28 -16.02
C ASN A 23 17.42 16.22 -17.00
N THR A 24 17.56 14.94 -16.66
CA THR A 24 17.16 13.85 -17.59
C THR A 24 15.65 13.80 -17.66
N TYR A 25 15.10 13.74 -18.86
CA TYR A 25 13.69 13.46 -19.05
C TYR A 25 13.42 12.06 -18.68
N VAL A 26 12.35 11.90 -17.89
CA VAL A 26 12.03 10.62 -17.26
C VAL A 26 10.54 10.44 -17.43
N THR A 27 10.10 9.25 -17.78
CA THR A 27 8.72 8.86 -17.54
C THR A 27 8.64 8.25 -16.15
N VAL A 28 7.66 8.72 -15.42
CA VAL A 28 7.31 8.22 -14.12
C VAL A 28 6.02 7.42 -14.27
N PHE A 29 6.08 6.10 -14.04
CA PHE A 29 4.86 5.30 -14.08
C PHE A 29 4.35 5.14 -12.65
N LEU A 30 3.08 5.37 -12.44
CA LEU A 30 2.48 5.31 -11.12
C LEU A 30 1.93 3.91 -10.87
N LEU A 31 1.57 3.68 -9.60
CA LEU A 31 0.94 2.38 -9.23
C LEU A 31 -0.23 1.99 -10.09
N ASN A 32 -1.02 2.97 -10.54
CA ASN A 32 -2.17 2.65 -11.37
C ASN A 32 -1.78 2.57 -12.86
N GLY A 33 -0.51 2.56 -13.22
CA GLY A 33 -0.23 2.64 -14.65
C GLY A 33 -0.27 4.05 -15.31
N PHE A 34 -0.73 5.09 -14.62
CA PHE A 34 -0.69 6.43 -15.25
C PHE A 34 0.75 6.84 -15.50
N GLN A 35 1.04 7.52 -16.61
CA GLN A 35 2.43 7.92 -16.92
C GLN A 35 2.59 9.43 -16.98
N LEU A 36 3.57 9.95 -16.25
CA LEU A 36 3.82 11.39 -16.22
C LEU A 36 5.20 11.44 -16.82
N ARG A 37 5.50 12.48 -17.58
CA ARG A 37 6.78 12.61 -18.23
C ARG A 37 7.36 13.99 -17.83
N GLY A 38 8.65 14.07 -17.51
CA GLY A 38 9.21 15.37 -17.12
C GLY A 38 10.62 15.32 -16.58
N GLN A 39 10.96 16.34 -15.79
CA GLN A 39 12.24 16.41 -15.13
C GLN A 39 12.05 16.52 -13.61
N VAL A 40 12.95 15.87 -12.86
CA VAL A 40 12.80 15.81 -11.38
C VAL A 40 13.56 17.06 -10.92
N LYS A 41 12.95 17.87 -10.06
CA LYS A 41 13.60 19.06 -9.61
C LYS A 41 13.97 18.98 -8.18
N GLY A 42 13.58 17.91 -7.49
CA GLY A 42 13.83 17.84 -6.09
C GLY A 42 13.18 16.55 -5.60
N PHE A 43 13.54 16.14 -4.39
CA PHE A 43 12.98 14.93 -3.75
C PHE A 43 13.40 14.96 -2.30
N ASP A 44 12.73 14.18 -1.47
CA ASP A 44 13.05 14.04 -0.09
C ASP A 44 12.68 12.61 0.25
N ASN A 45 12.63 12.25 1.54
CA ASN A 45 12.29 10.86 1.94
C ASN A 45 10.97 10.29 1.39
N PHE A 46 9.91 11.09 1.24
CA PHE A 46 8.55 10.62 0.86
C PHE A 46 8.01 11.08 -0.52
N THR A 47 8.66 12.06 -1.14
CA THR A 47 8.14 12.71 -2.34
C THR A 47 9.21 13.04 -3.32
N VAL A 48 8.76 13.27 -4.54
CA VAL A 48 9.60 13.63 -5.65
C VAL A 48 8.87 14.83 -6.28
N LEU A 49 9.63 15.86 -6.65
CA LEU A 49 9.04 17.01 -7.29
C LEU A 49 9.37 16.92 -8.81
N LEU A 50 8.33 16.66 -9.59
CA LEU A 50 8.44 16.52 -11.00
C LEU A 50 7.95 17.83 -11.70
N GLU A 51 8.72 18.29 -12.69
CA GLU A 51 8.20 19.35 -13.53
C GLU A 51 7.89 18.83 -14.94
N SER A 52 6.61 18.97 -15.31
CA SER A 52 6.08 18.55 -16.60
C SER A 52 5.53 19.79 -17.34
N GLU A 53 6.16 20.16 -18.46
CA GLU A 53 5.67 21.26 -19.33
C GLU A 53 5.52 22.46 -18.40
N GLY A 54 6.54 22.61 -17.55
CA GLY A 54 6.62 23.69 -16.59
C GLY A 54 5.69 23.65 -15.40
N LYS A 55 4.75 22.69 -15.34
CA LYS A 55 3.89 22.45 -14.14
C LYS A 55 4.60 21.64 -13.03
N GLN A 56 4.55 22.13 -11.80
CA GLN A 56 5.10 21.40 -10.66
C GLN A 56 4.16 20.32 -10.19
N GLN A 57 4.66 19.12 -9.99
CA GLN A 57 3.84 18.07 -9.36
C GLN A 57 4.56 17.48 -8.20
N LEU A 58 3.98 17.57 -7.00
CA LEU A 58 4.52 16.83 -5.84
C LEU A 58 3.92 15.40 -5.84
N ILE A 59 4.76 14.41 -6.12
CA ILE A 59 4.31 13.00 -6.21
C ILE A 59 4.86 12.26 -5.01
N TYR A 60 4.00 11.52 -4.33
CA TYR A 60 4.40 10.62 -3.21
C TYR A 60 5.12 9.40 -3.79
N LYS A 61 6.33 9.09 -3.27
CA LYS A 61 7.04 7.87 -3.67
C LYS A 61 6.16 6.62 -3.56
N HIS A 62 5.30 6.54 -2.53
CA HIS A 62 4.38 5.39 -2.37
C HIS A 62 3.46 5.25 -3.56
N ALA A 63 3.23 6.32 -4.32
CA ALA A 63 2.39 6.18 -5.51
C ALA A 63 3.20 5.81 -6.78
N ILE A 64 4.51 5.78 -6.68
CA ILE A 64 5.31 5.55 -7.88
C ILE A 64 5.67 4.07 -8.04
N SER A 65 5.58 3.59 -9.29
CA SER A 65 6.07 2.27 -9.65
C SER A 65 7.52 2.32 -10.13
N THR A 66 7.81 3.16 -11.10
CA THR A 66 9.00 3.02 -11.92
C THR A 66 9.46 4.39 -12.48
N PHE A 67 10.77 4.64 -12.50
CA PHE A 67 11.27 5.78 -13.26
C PHE A 67 12.03 5.17 -14.46
N ALA A 68 11.73 5.64 -15.66
CA ALA A 68 12.38 5.11 -16.86
C ALA A 68 13.00 6.33 -17.53
N PRO A 69 14.33 6.49 -17.43
CA PRO A 69 14.98 7.67 -17.97
C PRO A 69 15.07 7.56 -19.48
N GLN A 70 15.08 8.72 -20.17
CA GLN A 70 15.42 8.79 -21.61
C GLN A 70 16.80 8.19 -21.99
N LYS A 71 17.83 8.67 -21.29
CA LYS A 71 19.22 8.24 -21.43
C LYS A 71 19.64 7.52 -20.17
N ASN A 72 20.52 6.56 -20.32
CA ASN A 72 20.99 5.90 -19.12
C ASN A 72 21.79 6.77 -18.15
N VAL A 73 21.73 6.41 -16.88
CA VAL A 73 22.28 7.18 -15.78
C VAL A 73 23.52 6.41 -15.31
N GLN A 74 24.66 7.08 -15.15
CA GLN A 74 25.83 6.35 -14.65
C GLN A 74 25.80 6.32 -13.14
N LEU A 75 26.01 5.12 -12.61
CA LEU A 75 25.82 4.85 -11.19
C LEU A 75 26.95 3.95 -10.64
N GLU A 76 26.97 3.80 -9.32
CA GLU A 76 28.02 3.06 -8.64
C GLU A 76 27.41 1.96 -7.75
N ILE B 9 11.90 22.82 5.50
CA ILE B 9 13.19 22.12 5.12
C ILE B 9 12.91 21.07 4.03
N ASN B 10 12.06 20.06 4.31
CA ASN B 10 11.83 18.98 3.37
C ASN B 10 10.89 19.45 2.25
N ILE B 11 10.98 18.94 1.04
CA ILE B 11 10.17 19.44 -0.05
C ILE B 11 8.64 19.31 0.17
N GLN B 12 8.19 18.18 0.77
CA GLN B 12 6.77 17.98 0.98
C GLN B 12 6.13 19.12 1.86
N ASP B 13 6.69 19.37 3.03
CA ASP B 13 6.27 20.43 3.90
C ASP B 13 6.30 21.83 3.32
N GLN B 14 7.36 22.24 2.61
CA GLN B 14 7.38 23.57 1.99
C GLN B 14 6.23 23.68 0.98
N PHE B 15 6.12 22.69 0.10
CA PHE B 15 5.08 22.63 -0.94
C PHE B 15 3.69 22.74 -0.30
N LEU B 16 3.39 21.90 0.73
CA LEU B 16 2.05 21.93 1.32
C LEU B 16 1.79 23.23 2.14
N ASN B 17 2.81 23.71 2.81
CA ASN B 17 2.69 24.99 3.48
C ASN B 17 2.53 26.19 2.50
N GLN B 18 3.26 26.18 1.40
CA GLN B 18 3.13 27.21 0.41
C GLN B 18 1.69 27.27 -0.16
N ILE B 19 1.19 26.19 -0.75
CA ILE B 19 -0.15 26.18 -1.36
C ILE B 19 -1.25 26.49 -0.31
N ARG B 20 -1.01 26.12 0.94
CA ARG B 20 -1.92 26.42 2.04
C ARG B 20 -1.98 27.93 2.34
N LYS B 21 -0.80 28.53 2.66
CA LYS B 21 -0.59 29.98 2.75
C LYS B 21 -1.19 30.81 1.61
N GLU B 22 -1.00 30.40 0.38
CA GLU B 22 -1.56 31.17 -0.72
C GLU B 22 -2.98 30.77 -1.07
N ASN B 23 -3.59 29.86 -0.33
CA ASN B 23 -4.92 29.39 -0.75
C ASN B 23 -4.92 29.03 -2.24
N THR B 24 -3.82 28.44 -2.71
CA THR B 24 -3.77 27.93 -4.07
C THR B 24 -4.81 26.85 -4.34
N TYR B 25 -5.55 26.93 -5.45
CA TYR B 25 -6.31 25.79 -6.02
C TYR B 25 -5.40 24.68 -6.53
N VAL B 26 -5.75 23.47 -6.12
CA VAL B 26 -4.91 22.32 -6.40
C VAL B 26 -5.77 21.13 -6.78
N THR B 27 -5.30 20.35 -7.76
CA THR B 27 -5.86 19.04 -8.01
C THR B 27 -5.00 18.11 -7.14
N VAL B 28 -5.69 17.30 -6.35
CA VAL B 28 -5.18 16.14 -5.72
C VAL B 28 -5.66 14.86 -6.49
N PHE B 29 -4.73 14.11 -7.07
CA PHE B 29 -5.04 12.84 -7.62
C PHE B 29 -4.74 11.77 -6.51
N LEU B 30 -5.60 10.76 -6.42
CA LEU B 30 -5.55 9.73 -5.39
C LEU B 30 -5.01 8.48 -6.07
N LEU B 31 -4.59 7.47 -5.29
CA LEU B 31 -4.00 6.25 -5.86
C LEU B 31 -4.84 5.61 -6.93
N ASN B 32 -6.17 5.70 -6.81
CA ASN B 32 -7.03 4.99 -7.77
C ASN B 32 -7.34 5.86 -8.98
N GLY B 33 -6.74 7.05 -9.02
CA GLY B 33 -6.89 7.93 -10.18
C GLY B 33 -8.04 8.92 -10.01
N PHE B 34 -8.81 8.77 -8.96
CA PHE B 34 -9.75 9.80 -8.67
C PHE B 34 -9.06 11.17 -8.46
N GLN B 35 -9.74 12.28 -8.82
CA GLN B 35 -9.24 13.61 -8.53
C GLN B 35 -10.21 14.51 -7.81
N LEU B 36 -9.68 15.22 -6.82
CA LEU B 36 -10.38 16.26 -6.05
C LEU B 36 -9.67 17.56 -6.34
N ARG B 37 -10.42 18.65 -6.40
CA ARG B 37 -9.84 20.03 -6.40
C ARG B 37 -10.25 20.86 -5.17
N GLY B 38 -9.49 21.85 -4.79
CA GLY B 38 -9.74 22.44 -3.52
C GLY B 38 -8.54 23.20 -3.07
N GLN B 39 -8.60 23.66 -1.85
CA GLN B 39 -7.55 24.35 -1.20
C GLN B 39 -7.24 23.55 0.03
N VAL B 40 -5.92 23.45 0.29
CA VAL B 40 -5.41 22.93 1.54
C VAL B 40 -5.60 23.90 2.70
N LYS B 41 -6.26 23.41 3.73
CA LYS B 41 -6.44 24.16 4.93
C LYS B 41 -5.53 23.74 6.04
N GLY B 42 -4.90 22.57 5.95
CA GLY B 42 -3.93 22.09 6.92
C GLY B 42 -3.47 20.66 6.59
N PHE B 43 -2.47 20.18 7.31
CA PHE B 43 -1.97 18.85 7.06
C PHE B 43 -1.20 18.47 8.33
N ASP B 44 -0.94 17.18 8.50
CA ASP B 44 -0.13 16.70 9.59
C ASP B 44 0.69 15.59 8.96
N ASN B 45 1.29 14.70 9.76
CA ASN B 45 2.13 13.66 9.23
C ASN B 45 1.43 12.68 8.31
N PHE B 46 0.13 12.50 8.50
CA PHE B 46 -0.58 11.37 7.95
C PHE B 46 -1.69 11.79 7.05
N THR B 47 -2.14 13.06 7.21
CA THR B 47 -3.36 13.53 6.55
C THR B 47 -3.23 14.97 5.99
N VAL B 48 -4.07 15.20 5.00
CA VAL B 48 -4.25 16.53 4.41
C VAL B 48 -5.74 16.94 4.50
N LEU B 49 -5.99 18.16 5.01
CA LEU B 49 -7.40 18.67 5.17
C LEU B 49 -7.61 19.61 4.04
N LEU B 50 -8.33 19.11 3.06
CA LEU B 50 -8.67 19.82 1.86
C LEU B 50 -10.11 20.41 1.95
N GLU B 51 -10.37 21.52 1.26
CA GLU B 51 -11.71 22.10 1.13
C GLU B 51 -12.09 22.21 -0.31
N SER B 52 -13.12 21.48 -0.74
CA SER B 52 -13.62 21.52 -2.10
C SER B 52 -15.04 22.05 -2.02
N GLU B 53 -15.15 23.34 -2.34
CA GLU B 53 -16.39 24.15 -2.25
C GLU B 53 -16.97 24.14 -0.83
N GLY B 54 -16.34 24.84 0.09
CA GLY B 54 -16.88 24.97 1.44
C GLY B 54 -16.72 23.73 2.30
N LYS B 55 -16.68 22.59 1.63
CA LYS B 55 -16.73 21.24 2.21
C LYS B 55 -15.37 20.53 2.50
N GLN B 56 -14.99 20.55 3.78
CA GLN B 56 -13.93 19.75 4.38
C GLN B 56 -13.86 18.28 3.94
N GLN B 57 -12.66 17.84 3.56
CA GLN B 57 -12.27 16.44 3.39
C GLN B 57 -10.94 16.10 4.11
N LEU B 58 -10.94 15.09 4.99
CA LEU B 58 -9.67 14.67 5.56
C LEU B 58 -9.12 13.53 4.69
N ILE B 59 -7.99 13.74 3.95
CA ILE B 59 -7.44 12.74 3.03
C ILE B 59 -6.18 12.15 3.64
N TYR B 60 -6.04 10.81 3.65
CA TYR B 60 -4.79 10.21 4.22
C TYR B 60 -3.72 10.41 3.14
N LYS B 61 -2.53 10.89 3.51
CA LYS B 61 -1.38 10.95 2.50
C LYS B 61 -1.19 9.63 1.76
N HIS B 62 -1.41 8.49 2.46
CA HIS B 62 -1.22 7.13 1.87
C HIS B 62 -2.17 6.90 0.73
N ALA B 63 -3.23 7.72 0.68
CA ALA B 63 -4.19 7.52 -0.47
C ALA B 63 -3.96 8.53 -1.64
N ILE B 64 -3.01 9.42 -1.47
CA ILE B 64 -2.76 10.46 -2.42
C ILE B 64 -1.62 10.03 -3.36
N SER B 65 -1.85 10.26 -4.64
CA SER B 65 -0.76 10.13 -5.63
C SER B 65 0.09 11.43 -5.83
N THR B 66 -0.59 12.55 -6.18
CA THR B 66 0.05 13.76 -6.74
C THR B 66 -0.78 15.00 -6.37
N PHE B 67 -0.08 16.06 -6.01
CA PHE B 67 -0.65 17.41 -5.86
C PHE B 67 -0.23 18.17 -7.13
N ALA B 68 -1.18 18.59 -7.95
CA ALA B 68 -0.82 19.43 -9.08
C ALA B 68 -1.49 20.86 -8.96
N PRO B 69 -0.70 21.92 -8.69
CA PRO B 69 -1.28 23.25 -8.66
C PRO B 69 -1.57 23.61 -10.08
N GLN B 70 -2.68 24.30 -10.30
CA GLN B 70 -2.78 25.13 -11.52
C GLN B 70 -1.63 26.16 -11.57
N LYS B 71 -1.25 26.73 -10.41
CA LYS B 71 -0.22 27.83 -10.34
C LYS B 71 1.14 27.59 -9.62
N ASN B 72 2.23 27.70 -10.39
CA ASN B 72 3.55 27.25 -9.95
C ASN B 72 4.17 27.92 -8.73
N VAL B 73 4.93 27.13 -7.94
CA VAL B 73 5.22 27.43 -6.52
C VAL B 73 6.72 27.64 -6.20
N GLN B 74 7.01 28.28 -5.05
CA GLN B 74 8.36 28.69 -4.71
C GLN B 74 8.98 27.78 -3.66
N LEU B 75 10.09 27.12 -4.03
CA LEU B 75 10.65 26.07 -3.20
C LEU B 75 12.16 26.20 -3.09
N GLU B 76 12.65 26.08 -1.86
CA GLU B 76 14.07 26.14 -1.53
C GLU B 76 14.63 24.71 -1.51
N LEU B 77 15.47 24.37 -2.50
CA LEU B 77 15.63 22.98 -2.99
C LEU B 77 16.88 22.12 -2.65
N ASN C 10 -2.03 17.81 15.43
CA ASN C 10 -2.69 16.56 14.89
C ASN C 10 -4.12 16.76 14.42
N ILE C 11 -4.30 17.19 13.18
CA ILE C 11 -5.59 17.37 12.54
C ILE C 11 -6.43 16.06 12.49
N GLN C 12 -5.75 14.92 12.26
CA GLN C 12 -6.48 13.66 12.02
C GLN C 12 -7.41 13.32 13.23
N ASP C 13 -6.76 13.32 14.37
CA ASP C 13 -7.33 12.94 15.64
C ASP C 13 -8.35 13.92 16.15
N GLN C 14 -8.27 15.18 15.74
CA GLN C 14 -9.24 16.22 16.13
C GLN C 14 -10.44 16.06 15.29
N PHE C 15 -10.22 15.74 14.04
CA PHE C 15 -11.33 15.55 13.12
C PHE C 15 -12.20 14.30 13.45
N LEU C 16 -11.54 13.21 13.83
CA LEU C 16 -12.23 11.93 13.91
C LEU C 16 -13.11 11.98 15.19
N ASN C 17 -12.53 12.65 16.17
CA ASN C 17 -13.16 13.04 17.38
C ASN C 17 -14.37 14.02 17.36
N GLN C 18 -14.37 15.04 16.52
CA GLN C 18 -15.54 15.92 16.45
C GLN C 18 -16.67 15.28 15.66
N ILE C 19 -16.35 14.55 14.59
CA ILE C 19 -17.37 13.76 13.95
C ILE C 19 -17.90 12.64 14.91
N ARG C 20 -17.09 12.24 15.89
CA ARG C 20 -17.43 11.20 16.79
C ARG C 20 -18.32 11.73 17.90
N LYS C 21 -18.03 12.93 18.40
CA LYS C 21 -18.82 13.48 19.52
C LYS C 21 -20.10 14.17 19.07
N GLU C 22 -20.05 14.84 17.92
CA GLU C 22 -21.25 15.35 17.26
C GLU C 22 -21.86 14.31 16.32
N ASN C 23 -21.47 13.04 16.53
CA ASN C 23 -22.07 11.91 15.86
C ASN C 23 -22.54 12.28 14.50
N THR C 24 -21.65 12.88 13.70
CA THR C 24 -21.87 13.33 12.33
C THR C 24 -21.98 12.17 11.32
N TYR C 25 -22.95 12.19 10.40
CA TYR C 25 -22.85 11.45 9.17
C TYR C 25 -21.56 11.83 8.40
N VAL C 26 -20.44 11.17 8.73
CA VAL C 26 -19.19 11.31 7.96
C VAL C 26 -19.24 10.19 6.98
N THR C 27 -19.14 10.48 5.69
CA THR C 27 -18.98 9.45 4.65
C THR C 27 -17.49 9.05 4.54
N VAL C 28 -17.24 7.77 4.20
CA VAL C 28 -15.86 7.15 4.21
C VAL C 28 -15.60 6.54 2.89
N PHE C 29 -14.64 7.12 2.15
CA PHE C 29 -14.24 6.61 0.83
C PHE C 29 -13.02 5.75 1.10
N LEU C 30 -12.97 4.56 0.50
CA LEU C 30 -11.92 3.57 0.69
C LEU C 30 -11.02 3.69 -0.53
N LEU C 31 -9.79 3.14 -0.44
CA LEU C 31 -8.84 3.19 -1.58
C LEU C 31 -9.45 2.64 -2.85
N ASN C 32 -10.23 1.59 -2.74
CA ASN C 32 -10.87 0.99 -3.89
C ASN C 32 -12.11 1.82 -4.40
N GLY C 33 -12.35 3.02 -3.85
CA GLY C 33 -13.47 3.90 -4.20
C GLY C 33 -14.83 3.57 -3.54
N PHE C 34 -14.95 2.39 -2.91
CA PHE C 34 -16.18 2.03 -2.24
C PHE C 34 -16.42 3.06 -1.17
N GLN C 35 -17.69 3.43 -0.99
CA GLN C 35 -18.09 4.41 0.07
C GLN C 35 -19.12 3.92 1.08
N LEU C 36 -18.94 4.29 2.34
CA LEU C 36 -19.87 3.91 3.43
C LEU C 36 -20.14 5.13 4.28
N ARG C 37 -21.36 5.27 4.84
CA ARG C 37 -21.71 6.43 5.68
C ARG C 37 -21.98 5.95 7.06
N GLY C 38 -21.66 6.72 8.07
CA GLY C 38 -21.99 6.24 9.34
C GLY C 38 -21.45 7.27 10.22
N GLN C 39 -21.31 6.88 11.48
CA GLN C 39 -20.76 7.69 12.51
C GLN C 39 -19.70 6.89 13.15
N VAL C 40 -18.67 7.60 13.59
CA VAL C 40 -17.51 7.01 14.21
C VAL C 40 -17.80 6.76 15.67
N LYS C 41 -17.43 5.58 16.19
CA LYS C 41 -17.70 5.26 17.58
C LYS C 41 -16.42 5.07 18.31
N GLY C 42 -15.32 4.94 17.57
CA GLY C 42 -14.05 4.60 18.19
C GLY C 42 -13.03 4.66 17.08
N PHE C 43 -11.77 4.92 17.44
CA PHE C 43 -10.62 4.82 16.53
C PHE C 43 -9.44 4.59 17.39
N ASP C 44 -8.39 3.95 16.83
CA ASP C 44 -7.07 3.90 17.46
C ASP C 44 -6.05 4.28 16.39
N ASN C 45 -4.79 3.99 16.62
CA ASN C 45 -3.74 4.24 15.64
C ASN C 45 -3.94 3.61 14.25
N PHE C 46 -4.66 2.48 14.15
CA PHE C 46 -4.70 1.67 12.91
C PHE C 46 -6.09 1.55 12.31
N THR C 47 -7.08 1.87 13.14
CA THR C 47 -8.43 1.45 12.79
C THR C 47 -9.49 2.46 13.21
N VAL C 48 -10.59 2.42 12.44
CA VAL C 48 -11.79 3.18 12.70
C VAL C 48 -13.01 2.25 12.83
N LEU C 49 -13.77 2.52 13.90
CA LEU C 49 -15.01 1.82 14.20
C LEU C 49 -16.17 2.70 13.78
N LEU C 50 -16.77 2.36 12.67
CA LEU C 50 -17.90 2.99 12.13
C LEU C 50 -19.19 2.14 12.39
N GLU C 51 -20.23 2.76 12.96
CA GLU C 51 -21.57 2.18 12.87
C GLU C 51 -22.26 2.77 11.68
N SER C 52 -22.77 1.88 10.85
CA SER C 52 -23.59 2.23 9.71
C SER C 52 -24.86 1.43 9.81
N GLU C 53 -26.02 2.11 9.82
CA GLU C 53 -27.30 1.42 9.90
C GLU C 53 -27.30 0.40 11.04
N GLY C 54 -27.02 0.85 12.27
CA GLY C 54 -26.93 -0.02 13.46
C GLY C 54 -25.81 -1.09 13.49
N LYS C 55 -25.20 -1.35 12.33
CA LYS C 55 -24.21 -2.41 12.14
C LYS C 55 -22.78 -1.87 12.35
N GLN C 56 -21.97 -2.54 13.14
CA GLN C 56 -20.61 -2.06 13.35
C GLN C 56 -19.66 -2.50 12.26
N GLN C 57 -18.72 -1.64 11.92
CA GLN C 57 -17.70 -2.00 10.93
C GLN C 57 -16.35 -1.51 11.37
N LEU C 58 -15.42 -2.45 11.46
CA LEU C 58 -14.03 -2.09 11.80
C LEU C 58 -13.29 -1.92 10.50
N ILE C 59 -12.85 -0.69 10.27
CA ILE C 59 -12.16 -0.32 9.05
C ILE C 59 -10.68 -0.02 9.33
N TYR C 60 -9.73 -0.68 8.60
CA TYR C 60 -8.30 -0.26 8.68
C TYR C 60 -8.07 1.11 8.03
N LYS C 61 -7.40 2.01 8.75
CA LYS C 61 -7.00 3.32 8.20
C LYS C 61 -6.23 3.14 6.89
N HIS C 62 -5.34 2.14 6.79
CA HIS C 62 -4.54 1.97 5.52
C HIS C 62 -5.44 1.76 4.32
N ALA C 63 -6.70 1.44 4.57
CA ALA C 63 -7.67 1.23 3.47
C ALA C 63 -8.55 2.44 3.10
N ILE C 64 -8.56 3.40 3.98
CA ILE C 64 -9.34 4.60 3.84
C ILE C 64 -8.64 5.60 2.93
N SER C 65 -9.39 6.09 1.95
CA SER C 65 -8.96 7.37 1.26
C SER C 65 -9.28 8.68 1.98
N THR C 66 -10.58 8.92 2.24
CA THR C 66 -11.13 10.24 2.63
C THR C 66 -12.38 10.15 3.56
N PHE C 67 -12.40 10.98 4.62
CA PHE C 67 -13.63 11.21 5.34
C PHE C 67 -14.21 12.57 4.87
N ALA C 68 -15.45 12.50 4.40
CA ALA C 68 -16.23 13.69 3.97
C ALA C 68 -17.37 13.90 4.94
N PRO C 69 -17.25 14.77 5.94
CA PRO C 69 -18.39 15.00 6.83
C PRO C 69 -19.74 15.57 6.24
N GLN C 70 -20.78 15.65 7.10
CA GLN C 70 -22.11 16.25 6.78
C GLN C 70 -22.08 17.75 7.11
N LYS C 71 -21.70 18.05 8.36
CA LYS C 71 -21.40 19.40 8.86
C LYS C 71 -19.90 19.50 9.17
N ASN C 72 -19.37 20.70 9.08
CA ASN C 72 -17.92 20.85 9.19
C ASN C 72 -17.39 20.99 10.63
N VAL C 73 -16.11 20.73 10.82
CA VAL C 73 -15.54 20.44 12.12
C VAL C 73 -14.67 21.63 12.57
N GLN C 74 -14.65 21.91 13.86
CA GLN C 74 -13.74 22.92 14.40
C GLN C 74 -12.40 22.33 14.75
N LEU C 75 -11.33 22.92 14.24
CA LEU C 75 -9.99 22.33 14.34
C LEU C 75 -8.91 23.37 14.70
N ASN D 10 -7.01 -0.88 23.06
CA ASN D 10 -6.84 -0.82 21.57
C ASN D 10 -8.05 -1.50 20.93
N ILE D 11 -8.79 -0.74 20.16
CA ILE D 11 -10.08 -1.10 19.58
C ILE D 11 -9.99 -2.33 18.65
N GLN D 12 -8.96 -2.33 17.81
CA GLN D 12 -8.71 -3.43 16.86
C GLN D 12 -8.64 -4.81 17.59
N ASP D 13 -7.80 -4.93 18.60
CA ASP D 13 -7.62 -6.20 19.26
C ASP D 13 -8.83 -6.64 20.09
N GLN D 14 -9.56 -5.70 20.69
CA GLN D 14 -10.74 -6.07 21.50
C GLN D 14 -11.75 -6.63 20.52
N PHE D 15 -11.94 -5.91 19.42
CA PHE D 15 -12.86 -6.29 18.35
C PHE D 15 -12.61 -7.71 17.83
N LEU D 16 -11.38 -7.99 17.44
CA LEU D 16 -10.97 -9.32 16.96
C LEU D 16 -11.04 -10.48 18.02
N ASN D 17 -10.54 -10.24 19.23
CA ASN D 17 -10.81 -11.09 20.36
C ASN D 17 -12.30 -11.42 20.65
N GLN D 18 -13.15 -10.40 20.71
CA GLN D 18 -14.58 -10.60 20.81
C GLN D 18 -15.19 -11.44 19.68
N ILE D 19 -14.85 -11.15 18.42
CA ILE D 19 -15.47 -11.92 17.36
C ILE D 19 -14.97 -13.39 17.39
N ARG D 20 -13.76 -13.56 17.92
CA ARG D 20 -13.12 -14.84 18.07
C ARG D 20 -13.73 -15.70 19.19
N LYS D 21 -13.65 -15.20 20.42
CA LYS D 21 -14.26 -15.79 21.63
C LYS D 21 -15.80 -16.03 21.55
N GLU D 22 -16.48 -15.57 20.51
CA GLU D 22 -17.94 -15.69 20.44
C GLU D 22 -18.36 -16.35 19.13
N ASN D 23 -17.34 -16.71 18.34
CA ASN D 23 -17.49 -17.38 17.07
C ASN D 23 -18.43 -16.69 16.10
N THR D 24 -18.51 -15.37 16.21
CA THR D 24 -19.27 -14.54 15.27
C THR D 24 -18.77 -14.72 13.81
N TYR D 25 -19.71 -14.77 12.87
CA TYR D 25 -19.39 -14.78 11.48
C TYR D 25 -19.10 -13.38 11.03
N VAL D 26 -18.11 -13.24 10.16
CA VAL D 26 -17.63 -11.97 9.84
C VAL D 26 -17.42 -12.04 8.34
N THR D 27 -17.74 -10.95 7.63
CA THR D 27 -17.29 -10.73 6.28
C THR D 27 -16.07 -9.84 6.33
N VAL D 28 -15.01 -10.26 5.66
CA VAL D 28 -13.76 -9.53 5.62
C VAL D 28 -13.64 -9.04 4.21
N PHE D 29 -13.77 -7.75 4.01
CA PHE D 29 -13.57 -7.20 2.67
C PHE D 29 -12.09 -6.87 2.58
N LEU D 30 -11.50 -7.12 1.42
CA LEU D 30 -10.09 -6.88 1.18
C LEU D 30 -9.88 -5.59 0.38
N LEU D 31 -8.66 -5.10 0.25
CA LEU D 31 -8.42 -3.74 -0.29
C LEU D 31 -8.84 -3.66 -1.69
N ASN D 32 -8.93 -4.82 -2.33
CA ASN D 32 -9.24 -4.89 -3.74
C ASN D 32 -10.69 -5.23 -4.00
N GLY D 33 -11.48 -5.25 -2.94
CA GLY D 33 -12.93 -5.48 -3.02
C GLY D 33 -13.37 -6.92 -2.90
N PHE D 34 -12.47 -7.86 -3.19
CA PHE D 34 -12.75 -9.26 -2.98
C PHE D 34 -13.12 -9.49 -1.53
N GLN D 35 -13.87 -10.54 -1.26
CA GLN D 35 -14.55 -10.73 0.02
C GLN D 35 -14.29 -12.16 0.53
N LEU D 36 -14.27 -12.33 1.86
CA LEU D 36 -14.21 -13.65 2.49
C LEU D 36 -15.20 -13.62 3.63
N ARG D 37 -15.80 -14.76 3.97
CA ARG D 37 -16.68 -14.86 5.14
C ARG D 37 -16.26 -16.04 5.97
N GLY D 38 -16.40 -15.91 7.29
CA GLY D 38 -16.04 -17.04 8.13
C GLY D 38 -15.89 -16.61 9.55
N GLN D 39 -15.18 -17.39 10.34
CA GLN D 39 -14.92 -17.11 11.72
C GLN D 39 -13.41 -16.98 11.97
N VAL D 40 -13.11 -16.10 12.91
CA VAL D 40 -11.76 -15.74 13.26
C VAL D 40 -11.26 -16.82 14.22
N LYS D 41 -10.22 -17.54 13.81
CA LYS D 41 -9.58 -18.52 14.70
C LYS D 41 -8.43 -17.95 15.51
N GLY D 42 -7.96 -16.76 15.15
CA GLY D 42 -6.74 -16.21 15.80
C GLY D 42 -6.16 -15.03 15.03
N PHE D 43 -5.27 -14.28 15.64
CA PHE D 43 -4.66 -13.14 14.93
C PHE D 43 -3.31 -12.82 15.60
N ASP D 44 -2.36 -12.18 14.89
CA ASP D 44 -1.21 -11.59 15.53
C ASP D 44 -1.08 -10.11 15.05
N ASN D 45 0.10 -9.50 15.17
CA ASN D 45 0.26 -8.13 14.69
C ASN D 45 0.05 -7.85 13.21
N PHE D 46 0.40 -8.81 12.34
CA PHE D 46 0.31 -8.73 10.89
C PHE D 46 -0.78 -9.53 10.12
N THR D 47 -1.40 -10.49 10.77
CA THR D 47 -2.35 -11.44 10.05
C THR D 47 -3.57 -11.77 10.95
N VAL D 48 -4.63 -12.26 10.31
CA VAL D 48 -5.81 -12.77 10.94
C VAL D 48 -6.02 -14.22 10.35
N LEU D 49 -6.21 -15.20 11.22
CA LEU D 49 -6.44 -16.58 10.77
C LEU D 49 -7.93 -16.76 10.73
N LEU D 50 -8.49 -16.93 9.52
CA LEU D 50 -9.92 -17.03 9.38
C LEU D 50 -10.23 -18.49 9.03
N GLU D 51 -11.39 -18.99 9.48
CA GLU D 51 -11.86 -20.28 8.95
C GLU D 51 -13.16 -20.14 8.20
N SER D 52 -13.18 -20.55 6.92
CA SER D 52 -14.42 -20.55 6.13
C SER D 52 -14.81 -21.97 5.78
N GLU D 53 -16.01 -22.41 6.19
CA GLU D 53 -16.51 -23.78 5.86
C GLU D 53 -15.41 -24.86 5.94
N GLY D 54 -14.85 -25.03 7.14
CA GLY D 54 -13.77 -25.94 7.38
C GLY D 54 -12.33 -25.53 7.08
N LYS D 55 -12.11 -24.51 6.23
CA LYS D 55 -10.75 -24.21 5.74
C LYS D 55 -10.07 -22.90 6.25
N GLN D 56 -8.85 -23.04 6.73
CA GLN D 56 -8.03 -21.93 7.16
C GLN D 56 -7.71 -21.01 6.03
N GLN D 57 -7.76 -19.70 6.28
CA GLN D 57 -7.16 -18.74 5.33
C GLN D 57 -6.35 -17.82 6.22
N LEU D 58 -5.06 -17.71 5.99
CA LEU D 58 -4.27 -16.69 6.71
C LEU D 58 -4.32 -15.38 5.88
N ILE D 59 -4.85 -14.29 6.47
CA ILE D 59 -5.08 -13.05 5.70
C ILE D 59 -4.10 -12.02 6.24
N TYR D 60 -3.36 -11.32 5.38
CA TYR D 60 -2.57 -10.17 5.92
C TYR D 60 -3.47 -8.99 6.26
N LYS D 61 -3.29 -8.42 7.43
CA LYS D 61 -4.07 -7.20 7.80
C LYS D 61 -3.86 -6.09 6.79
N HIS D 62 -2.64 -6.01 6.20
CA HIS D 62 -2.38 -4.96 5.22
C HIS D 62 -3.29 -5.11 4.01
N ALA D 63 -3.76 -6.33 3.74
CA ALA D 63 -4.67 -6.51 2.63
C ALA D 63 -6.16 -6.30 3.00
N ILE D 64 -6.49 -6.10 4.29
CA ILE D 64 -7.88 -6.04 4.72
C ILE D 64 -8.36 -4.57 4.66
N SER D 65 -9.56 -4.42 4.11
CA SER D 65 -10.27 -3.18 4.28
C SER D 65 -11.16 -3.08 5.61
N THR D 66 -12.02 -4.05 5.84
CA THR D 66 -13.14 -3.90 6.70
C THR D 66 -13.55 -5.27 7.23
N PHE D 67 -13.84 -5.37 8.54
CA PHE D 67 -14.53 -6.52 9.12
C PHE D 67 -15.95 -6.08 9.40
N ALA D 68 -16.92 -6.80 8.83
CA ALA D 68 -18.36 -6.49 9.03
C ALA D 68 -18.91 -7.70 9.79
N PRO D 69 -19.04 -7.60 11.11
CA PRO D 69 -19.53 -8.82 11.76
C PRO D 69 -21.07 -9.05 11.57
N GLN D 70 -21.52 -10.29 11.57
CA GLN D 70 -22.95 -10.60 11.62
C GLN D 70 -23.64 -9.95 12.83
N LYS D 71 -23.19 -10.31 14.04
CA LYS D 71 -23.71 -9.72 15.29
C LYS D 71 -22.73 -8.67 15.82
N ASN D 72 -23.25 -7.62 16.45
CA ASN D 72 -22.36 -6.59 16.94
C ASN D 72 -21.62 -6.91 18.27
N VAL D 73 -20.39 -6.41 18.38
CA VAL D 73 -19.43 -6.73 19.44
C VAL D 73 -19.55 -5.75 20.59
N GLN D 74 -19.26 -6.19 21.81
CA GLN D 74 -19.13 -5.30 22.96
C GLN D 74 -17.69 -4.87 23.21
N LEU D 75 -17.50 -3.58 23.36
CA LEU D 75 -16.18 -3.00 23.40
C LEU D 75 -16.23 -1.80 24.30
N GLU D 76 -15.11 -1.42 24.92
CA GLU D 76 -15.00 -0.04 25.41
C GLU D 76 -13.79 0.70 24.83
N ASN E 10 3.56 -15.72 17.33
CA ASN E 10 3.55 -15.25 15.92
C ASN E 10 2.92 -16.32 14.98
N ILE E 11 1.62 -16.30 14.82
CA ILE E 11 0.86 -17.15 13.90
C ILE E 11 1.40 -17.17 12.46
N GLN E 12 1.83 -16.00 11.95
CA GLN E 12 2.33 -15.99 10.58
C GLN E 12 3.46 -17.00 10.36
N ASP E 13 4.50 -16.87 11.18
CA ASP E 13 5.72 -17.68 11.04
C ASP E 13 5.46 -19.11 11.40
N GLN E 14 4.56 -19.41 12.32
CA GLN E 14 4.27 -20.82 12.58
C GLN E 14 3.60 -21.43 11.37
N PHE E 15 2.62 -20.72 10.80
CA PHE E 15 1.92 -21.14 9.59
C PHE E 15 2.88 -21.45 8.43
N LEU E 16 3.68 -20.45 8.08
CA LEU E 16 4.60 -20.53 6.98
C LEU E 16 5.68 -21.60 7.31
N ASN E 17 6.21 -21.61 8.51
CA ASN E 17 7.16 -22.62 8.85
C ASN E 17 6.58 -24.05 8.79
N GLN E 18 5.31 -24.20 9.15
CA GLN E 18 4.59 -25.47 8.96
C GLN E 18 4.40 -25.94 7.51
N ILE E 19 3.71 -25.13 6.69
CA ILE E 19 3.50 -25.49 5.31
C ILE E 19 4.87 -25.65 4.62
N ARG E 20 5.93 -25.06 5.17
CA ARG E 20 7.25 -25.27 4.58
C ARG E 20 7.78 -26.65 5.05
N LYS E 21 7.61 -26.97 6.35
CA LYS E 21 8.11 -28.25 6.93
C LYS E 21 7.36 -29.47 6.37
N GLU E 22 6.04 -29.41 6.26
CA GLU E 22 5.21 -30.47 5.67
C GLU E 22 5.16 -30.49 4.11
N ASN E 23 5.83 -29.53 3.46
CA ASN E 23 5.65 -29.33 2.02
C ASN E 23 4.21 -29.27 1.55
N THR E 24 3.36 -28.62 2.36
CA THR E 24 1.94 -28.51 2.03
C THR E 24 1.81 -27.66 0.78
N TYR E 25 0.81 -27.90 -0.03
CA TYR E 25 0.54 -26.97 -1.10
C TYR E 25 -0.38 -25.84 -0.61
N VAL E 26 -0.13 -24.65 -1.11
CA VAL E 26 -0.78 -23.45 -0.59
C VAL E 26 -1.16 -22.57 -1.83
N THR E 27 -2.42 -22.10 -1.90
CA THR E 27 -2.79 -21.09 -2.84
C THR E 27 -2.46 -19.77 -2.18
N VAL E 28 -1.57 -19.02 -2.84
CA VAL E 28 -1.33 -17.64 -2.55
C VAL E 28 -2.20 -16.68 -3.34
N PHE E 29 -3.05 -15.92 -2.65
CA PHE E 29 -3.81 -14.97 -3.36
C PHE E 29 -3.18 -13.61 -3.31
N LEU E 30 -3.01 -12.97 -4.45
CA LEU E 30 -2.30 -11.69 -4.51
C LEU E 30 -3.26 -10.55 -4.65
N LEU E 31 -2.87 -9.39 -4.16
CA LEU E 31 -3.68 -8.22 -4.26
C LEU E 31 -4.00 -7.82 -5.73
N ASN E 32 -3.09 -8.07 -6.66
CA ASN E 32 -3.28 -7.77 -8.11
C ASN E 32 -4.28 -8.69 -8.80
N GLY E 33 -4.95 -9.55 -8.02
CA GLY E 33 -6.05 -10.37 -8.52
C GLY E 33 -5.61 -11.77 -8.86
N PHE E 34 -4.31 -11.95 -8.97
CA PHE E 34 -3.78 -13.17 -9.39
C PHE E 34 -3.72 -14.15 -8.23
N GLN E 35 -3.96 -15.43 -8.51
CA GLN E 35 -3.70 -16.43 -7.52
C GLN E 35 -2.84 -17.55 -8.04
N LEU E 36 -1.93 -18.01 -7.16
CA LEU E 36 -0.80 -18.86 -7.46
C LEU E 36 -0.85 -20.03 -6.51
N ARG E 37 -0.60 -21.23 -6.97
CA ARG E 37 -0.51 -22.39 -6.09
C ARG E 37 0.92 -22.93 -6.00
N GLY E 38 1.42 -23.25 -4.81
CA GLY E 38 2.72 -23.88 -4.85
C GLY E 38 3.12 -24.25 -3.48
N GLN E 39 4.40 -24.51 -3.31
CA GLN E 39 5.00 -24.87 -2.07
C GLN E 39 5.96 -23.81 -1.63
N VAL E 40 5.97 -23.57 -0.32
CA VAL E 40 6.85 -22.61 0.30
C VAL E 40 8.25 -23.16 0.49
N LYS E 41 9.23 -22.51 -0.12
CA LYS E 41 10.60 -22.94 0.06
C LYS E 41 11.28 -22.19 1.17
N GLY E 42 10.79 -21.01 1.52
CA GLY E 42 11.53 -20.18 2.48
C GLY E 42 10.80 -18.85 2.58
N PHE E 43 11.15 -18.05 3.58
CA PHE E 43 10.57 -16.73 3.78
C PHE E 43 11.42 -15.98 4.73
N ASP E 44 11.33 -14.68 4.64
CA ASP E 44 11.97 -13.86 5.66
C ASP E 44 10.89 -12.83 6.12
N ASN E 45 11.27 -11.70 6.72
CA ASN E 45 10.30 -10.63 7.09
C ASN E 45 9.49 -9.89 5.97
N PHE E 46 10.04 -9.82 4.76
CA PHE E 46 9.42 -9.12 3.63
C PHE E 46 8.91 -9.98 2.47
N THR E 47 9.40 -11.23 2.37
CA THR E 47 9.15 -12.02 1.22
C THR E 47 8.85 -13.51 1.53
N VAL E 48 8.17 -14.16 0.58
CA VAL E 48 7.96 -15.62 0.65
C VAL E 48 8.56 -16.14 -0.68
N LEU E 49 9.47 -17.10 -0.58
CA LEU E 49 9.92 -17.91 -1.76
C LEU E 49 9.01 -19.11 -1.97
N LEU E 50 8.30 -19.10 -3.09
CA LEU E 50 7.36 -20.11 -3.43
C LEU E 50 7.94 -20.90 -4.68
N GLU E 51 7.56 -22.15 -4.84
CA GLU E 51 7.82 -22.87 -6.10
C GLU E 51 6.50 -23.34 -6.67
N SER E 52 6.21 -22.96 -7.91
CA SER E 52 4.98 -23.29 -8.63
C SER E 52 5.47 -24.00 -9.89
N GLU E 53 5.08 -25.27 -10.00
CA GLU E 53 5.58 -26.23 -11.03
C GLU E 53 7.06 -26.16 -11.36
N GLY E 54 7.90 -26.37 -10.35
CA GLY E 54 9.34 -26.31 -10.58
C GLY E 54 9.97 -24.92 -10.73
N LYS E 55 9.16 -23.86 -10.87
CA LYS E 55 9.70 -22.50 -10.95
C LYS E 55 9.68 -21.69 -9.62
N GLN E 56 10.81 -21.13 -9.23
CA GLN E 56 10.84 -20.16 -8.16
C GLN E 56 10.01 -18.92 -8.44
N GLN E 57 9.30 -18.48 -7.42
CA GLN E 57 8.82 -17.10 -7.45
C GLN E 57 9.13 -16.41 -6.10
N LEU E 58 9.84 -15.29 -6.10
CA LEU E 58 10.01 -14.49 -4.89
C LEU E 58 8.86 -13.49 -4.85
N ILE E 59 8.01 -13.60 -3.84
CA ILE E 59 6.76 -12.81 -3.74
C ILE E 59 6.91 -11.87 -2.54
N TYR E 60 6.59 -10.59 -2.69
CA TYR E 60 6.62 -9.68 -1.56
C TYR E 60 5.41 -9.93 -0.70
N LYS E 61 5.61 -10.06 0.58
CA LYS E 61 4.40 -10.12 1.44
C LYS E 61 3.45 -8.96 1.23
N HIS E 62 3.93 -7.70 1.06
CA HIS E 62 2.99 -6.57 0.80
C HIS E 62 2.07 -6.84 -0.34
N ALA E 63 2.37 -7.81 -1.24
CA ALA E 63 1.56 -7.96 -2.47
C ALA E 63 0.50 -9.11 -2.28
N ILE E 64 0.57 -9.75 -1.10
CA ILE E 64 -0.24 -10.92 -0.83
C ILE E 64 -1.47 -10.55 0.01
N SER E 65 -2.61 -11.12 -0.32
CA SER E 65 -3.77 -10.93 0.52
C SER E 65 -3.99 -12.11 1.51
N THR E 66 -3.87 -13.36 1.01
CA THR E 66 -4.34 -14.57 1.68
C THR E 66 -3.47 -15.73 1.30
N PHE E 67 -3.22 -16.65 2.25
CA PHE E 67 -2.79 -18.02 1.95
C PHE E 67 -3.92 -18.96 2.37
N ALA E 68 -4.21 -19.93 1.50
CA ALA E 68 -5.22 -20.97 1.73
C ALA E 68 -4.50 -22.31 1.66
N PRO E 69 -4.20 -22.95 2.81
CA PRO E 69 -3.44 -24.20 2.65
C PRO E 69 -4.32 -25.34 2.06
N GLN E 70 -3.67 -26.36 1.46
CA GLN E 70 -4.40 -27.51 0.91
C GLN E 70 -5.11 -28.25 2.03
N LYS E 71 -4.40 -28.42 3.15
CA LYS E 71 -4.91 -29.01 4.35
C LYS E 71 -4.52 -28.12 5.54
N ASN E 72 -5.49 -27.92 6.45
CA ASN E 72 -5.33 -27.00 7.57
C ASN E 72 -4.07 -27.26 8.40
N VAL E 73 -3.47 -26.18 8.90
CA VAL E 73 -2.25 -26.29 9.63
C VAL E 73 -2.59 -26.29 11.13
N GLN E 74 -1.86 -27.07 11.92
CA GLN E 74 -2.12 -27.04 13.35
C GLN E 74 -1.23 -25.98 13.96
N LEU E 75 -1.79 -25.10 14.78
CA LEU E 75 -1.00 -24.00 15.37
C LEU E 75 -1.28 -23.84 16.87
N GLU E 76 -0.34 -23.25 17.62
CA GLU E 76 -0.59 -22.87 19.03
C GLU E 76 -0.91 -21.37 19.07
N LEU E 77 -2.07 -21.01 19.63
CA LEU E 77 -2.73 -19.76 19.19
C LEU E 77 -2.78 -18.62 20.20
N ASN F 10 19.18 -13.65 4.78
CA ASN F 10 17.97 -12.92 4.25
C ASN F 10 17.68 -13.51 2.85
N ILE F 11 16.50 -14.08 2.69
CA ILE F 11 16.08 -14.72 1.44
C ILE F 11 16.03 -13.67 0.32
N GLN F 12 15.48 -12.50 0.60
CA GLN F 12 15.26 -11.48 -0.50
C GLN F 12 16.61 -11.04 -1.07
N ASP F 13 17.51 -10.71 -0.17
CA ASP F 13 18.84 -10.26 -0.53
C ASP F 13 19.75 -11.27 -1.25
N GLN F 14 19.74 -12.51 -0.78
CA GLN F 14 20.31 -13.61 -1.55
C GLN F 14 19.80 -13.77 -2.95
N PHE F 15 18.48 -13.84 -3.07
CA PHE F 15 17.79 -13.97 -4.37
C PHE F 15 18.20 -12.88 -5.31
N LEU F 16 18.09 -11.60 -4.87
CA LEU F 16 18.36 -10.50 -5.74
C LEU F 16 19.84 -10.45 -6.08
N ASN F 17 20.70 -10.78 -5.14
CA ASN F 17 22.09 -10.70 -5.44
C ASN F 17 22.50 -11.84 -6.39
N GLN F 18 21.95 -13.03 -6.20
CA GLN F 18 22.22 -14.08 -7.17
C GLN F 18 21.73 -13.76 -8.61
N ILE F 19 20.52 -13.19 -8.79
CA ILE F 19 20.04 -12.99 -10.15
C ILE F 19 20.82 -11.82 -10.71
N ARG F 20 21.26 -10.90 -9.84
CA ARG F 20 22.18 -9.86 -10.28
C ARG F 20 23.57 -10.43 -10.73
N LYS F 21 24.20 -11.27 -9.91
CA LYS F 21 25.54 -11.85 -10.20
C LYS F 21 25.56 -12.68 -11.45
N GLU F 22 24.48 -13.46 -11.68
CA GLU F 22 24.35 -14.32 -12.85
C GLU F 22 23.71 -13.67 -14.06
N ASN F 23 23.36 -12.38 -13.98
CA ASN F 23 22.59 -11.73 -15.06
C ASN F 23 21.36 -12.57 -15.49
N THR F 24 20.66 -13.16 -14.53
CA THR F 24 19.47 -13.94 -14.85
C THR F 24 18.34 -12.99 -15.33
N TYR F 25 17.68 -13.34 -16.45
CA TYR F 25 16.53 -12.59 -16.84
C TYR F 25 15.44 -12.90 -15.85
N VAL F 26 14.66 -11.88 -15.53
CA VAL F 26 13.61 -12.10 -14.59
C VAL F 26 12.37 -11.38 -15.13
N THR F 27 11.21 -12.02 -14.94
CA THR F 27 9.95 -11.33 -15.09
C THR F 27 9.54 -10.74 -13.72
N VAL F 28 9.21 -9.44 -13.73
CA VAL F 28 8.68 -8.74 -12.55
C VAL F 28 7.21 -8.46 -12.73
N PHE F 29 6.39 -8.99 -11.87
CA PHE F 29 4.99 -8.77 -11.99
C PHE F 29 4.68 -7.62 -11.05
N LEU F 30 4.06 -6.60 -11.58
CA LEU F 30 3.86 -5.41 -10.76
C LEU F 30 2.57 -5.56 -9.98
N LEU F 31 2.31 -4.71 -9.00
CA LEU F 31 1.05 -4.73 -8.25
C LEU F 31 -0.22 -4.50 -9.06
N ASN F 32 -0.07 -3.71 -10.11
CA ASN F 32 -1.12 -3.45 -11.09
C ASN F 32 -1.24 -4.54 -12.17
N GLY F 33 -0.51 -5.64 -12.01
CA GLY F 33 -0.58 -6.72 -12.99
C GLY F 33 0.22 -6.50 -14.27
N PHE F 34 0.84 -5.31 -14.47
CA PHE F 34 1.78 -5.12 -15.61
C PHE F 34 3.02 -6.00 -15.37
N GLN F 35 3.72 -6.39 -16.42
CA GLN F 35 4.73 -7.36 -16.27
C GLN F 35 5.92 -6.81 -16.98
N LEU F 36 7.08 -6.81 -16.31
CA LEU F 36 8.32 -6.24 -16.83
C LEU F 36 9.26 -7.38 -17.02
N ARG F 37 10.18 -7.34 -17.99
CA ARG F 37 11.15 -8.45 -18.06
C ARG F 37 12.50 -7.79 -18.20
N GLY F 38 13.52 -8.30 -17.52
CA GLY F 38 14.88 -7.74 -17.66
C GLY F 38 15.91 -8.37 -16.72
N GLN F 39 16.96 -7.62 -16.42
CA GLN F 39 18.00 -8.10 -15.59
C GLN F 39 18.29 -7.12 -14.49
N VAL F 40 18.57 -7.62 -13.30
CA VAL F 40 18.76 -6.74 -12.16
C VAL F 40 20.18 -6.28 -12.17
N LYS F 41 20.36 -4.96 -12.12
CA LYS F 41 21.68 -4.42 -12.09
C LYS F 41 22.07 -3.94 -10.69
N GLY F 42 21.12 -3.73 -9.78
CA GLY F 42 21.44 -3.28 -8.43
C GLY F 42 20.15 -3.17 -7.65
N PHE F 43 20.23 -3.03 -6.30
CA PHE F 43 19.03 -2.82 -5.48
C PHE F 43 19.52 -2.21 -4.16
N ASP F 44 18.62 -1.65 -3.35
CA ASP F 44 18.97 -1.21 -2.00
C ASP F 44 17.76 -1.58 -1.23
N ASN F 45 17.50 -0.97 -0.07
CA ASN F 45 16.31 -1.36 0.72
C ASN F 45 14.95 -1.20 0.08
N PHE F 46 14.79 -0.15 -0.72
CA PHE F 46 13.50 0.31 -1.25
C PHE F 46 13.31 0.09 -2.75
N THR F 47 14.41 -0.11 -3.49
CA THR F 47 14.29 -0.11 -4.95
C THR F 47 15.09 -1.24 -5.61
N VAL F 48 14.77 -1.48 -6.88
CA VAL F 48 15.48 -2.42 -7.75
C VAL F 48 15.81 -1.72 -9.06
N LEU F 49 17.07 -1.82 -9.49
CA LEU F 49 17.46 -1.25 -10.77
C LEU F 49 17.45 -2.37 -11.83
N LEU F 50 16.45 -2.33 -12.72
CA LEU F 50 16.29 -3.29 -13.74
C LEU F 50 16.74 -2.65 -15.10
N GLU F 51 17.49 -3.39 -15.87
CA GLU F 51 17.71 -3.02 -17.26
C GLU F 51 16.85 -3.91 -18.20
N SER F 52 16.06 -3.28 -19.08
CA SER F 52 15.25 -3.96 -20.11
C SER F 52 15.73 -3.44 -21.51
N GLU F 53 16.26 -4.33 -22.36
CA GLU F 53 16.85 -3.99 -23.70
C GLU F 53 17.75 -2.78 -23.57
N GLY F 54 18.74 -2.90 -22.69
CA GLY F 54 19.66 -1.80 -22.38
C GLY F 54 19.15 -0.56 -21.66
N LYS F 55 17.81 -0.41 -21.48
CA LYS F 55 17.16 0.78 -20.79
C LYS F 55 17.00 0.61 -19.25
N GLN F 56 17.48 1.59 -18.48
CA GLN F 56 17.38 1.52 -17.02
C GLN F 56 16.01 1.76 -16.47
N GLN F 57 15.59 0.95 -15.52
CA GLN F 57 14.40 1.35 -14.76
C GLN F 57 14.63 1.20 -13.31
N LEU F 58 14.34 2.28 -12.59
CA LEU F 58 14.35 2.20 -11.16
C LEU F 58 12.93 1.88 -10.70
N ILE F 59 12.72 0.70 -10.07
CA ILE F 59 11.37 0.27 -9.63
C ILE F 59 11.32 0.27 -8.12
N TYR F 60 10.29 0.85 -7.49
CA TYR F 60 10.10 0.73 -6.08
C TYR F 60 9.64 -0.67 -5.75
N LYS F 61 10.29 -1.33 -4.80
CA LYS F 61 9.86 -2.68 -4.37
C LYS F 61 8.40 -2.69 -3.92
N HIS F 62 7.88 -1.60 -3.35
CA HIS F 62 6.44 -1.51 -2.96
C HIS F 62 5.51 -1.67 -4.12
N ALA F 63 6.00 -1.51 -5.35
CA ALA F 63 5.10 -1.64 -6.51
C ALA F 63 5.25 -3.02 -7.15
N ILE F 64 6.13 -3.87 -6.60
CA ILE F 64 6.37 -5.17 -7.19
C ILE F 64 5.52 -6.19 -6.39
N SER F 65 5.03 -7.14 -7.12
CA SER F 65 4.33 -8.27 -6.59
C SER F 65 5.27 -9.52 -6.54
N THR F 66 5.97 -9.83 -7.63
CA THR F 66 6.69 -11.08 -7.77
C THR F 66 7.86 -10.93 -8.71
N PHE F 67 8.93 -11.68 -8.45
CA PHE F 67 10.00 -11.94 -9.42
C PHE F 67 9.94 -13.46 -9.77
N ALA F 68 10.02 -13.72 -11.04
CA ALA F 68 9.99 -15.08 -11.51
C ALA F 68 11.23 -15.20 -12.37
N PRO F 69 12.30 -15.85 -11.87
CA PRO F 69 13.46 -15.94 -12.68
C PRO F 69 13.28 -16.91 -13.82
N GLN F 70 13.96 -16.66 -14.96
CA GLN F 70 14.16 -17.66 -16.02
C GLN F 70 14.75 -19.02 -15.52
N LYS F 71 15.77 -18.98 -14.66
CA LYS F 71 16.35 -20.22 -14.08
C LYS F 71 16.34 -20.07 -12.59
N ASN F 72 16.23 -21.19 -11.86
CA ASN F 72 16.07 -21.07 -10.42
C ASN F 72 17.41 -20.73 -9.79
N VAL F 73 17.30 -19.93 -8.73
CA VAL F 73 18.40 -19.38 -7.93
C VAL F 73 18.72 -20.46 -6.86
N GLN F 74 20.02 -20.73 -6.59
CA GLN F 74 20.38 -21.55 -5.41
C GLN F 74 20.59 -20.69 -4.11
N LEU F 75 19.86 -21.00 -3.06
CA LEU F 75 19.83 -20.14 -1.89
C LEU F 75 20.23 -20.88 -0.64
N GLU F 76 20.83 -20.15 0.30
CA GLU F 76 21.33 -20.73 1.56
C GLU F 76 20.52 -20.25 2.77
#